data_4QQR
#
_entry.id   4QQR
#
_cell.length_a   56.589
_cell.length_b   61.943
_cell.length_c   176.774
_cell.angle_alpha   90.00
_cell.angle_beta   90.00
_cell.angle_gamma   90.00
#
_symmetry.space_group_name_H-M   'P 21 21 21'
#
loop_
_entity.id
_entity.type
_entity.pdbx_description
1 polymer 3,5-epimerase/4-reductase
2 non-polymer 'ZINC ION'
3 non-polymer 'CHLORIDE ION'
4 non-polymer 'SULFATE ION'
5 water water
#
_entity_poly.entity_id   1
_entity_poly.type   'polypeptide(L)'
_entity_poly.pdbx_seq_one_letter_code
;MVADANGSSSSSFNFLIYGKTGWIGGLLGKLCEAQGITYTYGSGRLQDRQSIVADIESVKPSHVFNAAGVTGRPNVDWCE
SHKVETIRTNVAGTLTLADICREKGLVLINYATGCIFEYDSGHPLGSGIGFKEEDTPNFTGSFYSKTKAMVEELLKNYEN
VCTLRVRMPISSDLTNPRNFITKIARYEKVVDIPNSMTILDELLPISIEMAKRNLTGIYNFTNPGVVSHNEILEMYRDYI
DPSFTWKNFTLEEQAKVIVAPRSNNELDATKLKTEFPELMSIKESLIKFVFEPNKKTEVKA
;
_entity_poly.pdbx_strand_id   A,B
#
# COMPACT_ATOMS: atom_id res chain seq x y z
N SER A 12 -21.95 15.35 24.09
CA SER A 12 -21.31 14.04 24.24
C SER A 12 -20.58 13.64 22.96
N PHE A 13 -21.33 13.50 21.87
CA PHE A 13 -20.79 13.08 20.58
C PHE A 13 -20.65 14.23 19.57
N ASN A 14 -19.65 14.12 18.69
CA ASN A 14 -19.35 15.15 17.70
C ASN A 14 -18.58 14.52 16.57
N PHE A 15 -19.21 14.33 15.42
CA PHE A 15 -18.58 13.53 14.36
C PHE A 15 -17.94 14.36 13.29
N LEU A 16 -16.70 14.03 12.97
CA LEU A 16 -16.05 14.57 11.79
C LEU A 16 -16.25 13.54 10.67
N ILE A 17 -16.81 13.98 9.56
CA ILE A 17 -17.10 13.07 8.45
C ILE A 17 -16.37 13.52 7.18
N TYR A 18 -15.75 12.56 6.49
CA TYR A 18 -15.10 12.87 5.22
C TYR A 18 -15.87 12.26 4.05
N GLY A 19 -16.11 13.07 3.02
CA GLY A 19 -16.86 12.66 1.85
C GLY A 19 -18.30 13.12 1.77
N LYS A 20 -18.57 14.42 1.91
CA LYS A 20 -19.96 14.91 1.72
C LYS A 20 -20.41 14.70 0.27
N THR A 21 -19.45 14.83 -0.64
CA THR A 21 -19.65 14.58 -2.06
C THR A 21 -20.35 13.24 -2.34
N GLY A 22 -20.01 12.20 -1.58
CA GLY A 22 -20.38 10.85 -1.93
C GLY A 22 -21.68 10.29 -1.37
N TRP A 23 -21.99 9.04 -1.70
CA TRP A 23 -23.26 8.44 -1.34
C TRP A 23 -23.38 8.25 0.18
N ILE A 24 -22.55 7.39 0.75
CA ILE A 24 -22.55 7.14 2.19
C ILE A 24 -22.31 8.39 3.07
N GLY A 25 -21.33 9.20 2.69
CA GLY A 25 -20.98 10.40 3.43
C GLY A 25 -22.16 11.38 3.50
N GLY A 26 -22.88 11.48 2.39
CA GLY A 26 -24.11 12.24 2.36
C GLY A 26 -25.17 11.65 3.26
N LEU A 27 -25.31 10.33 3.22
CA LEU A 27 -26.33 9.64 4.02
C LEU A 27 -26.04 9.77 5.51
N LEU A 28 -24.76 9.65 5.86
CA LEU A 28 -24.31 9.81 7.23
C LEU A 28 -24.75 11.12 7.83
N GLY A 29 -24.48 12.22 7.10
CA GLY A 29 -24.79 13.57 7.54
C GLY A 29 -26.26 13.68 7.89
N LYS A 30 -27.09 13.11 7.03
CA LYS A 30 -28.53 13.11 7.24
C LYS A 30 -28.94 12.32 8.49
N LEU A 31 -28.22 11.25 8.78
CA LEU A 31 -28.52 10.47 9.98
C LEU A 31 -28.19 11.20 11.27
N CYS A 32 -27.06 11.91 11.26
CA CYS A 32 -26.66 12.73 12.38
C CYS A 32 -27.68 13.84 12.61
N GLU A 33 -28.22 14.40 11.52
CA GLU A 33 -29.30 15.38 11.65
C GLU A 33 -30.47 14.72 12.35
N ALA A 34 -30.89 13.59 11.82
CA ALA A 34 -32.10 12.92 12.29
C ALA A 34 -31.98 12.44 13.72
N GLN A 35 -30.75 12.13 14.15
CA GLN A 35 -30.52 11.63 15.51
C GLN A 35 -30.06 12.72 16.48
N GLY A 36 -29.97 13.96 16.02
CA GLY A 36 -29.50 15.04 16.86
C GLY A 36 -28.02 14.97 17.24
N ILE A 37 -27.19 14.43 16.34
CA ILE A 37 -25.76 14.41 16.59
C ILE A 37 -25.04 15.54 15.85
N THR A 38 -24.25 16.29 16.60
CA THR A 38 -23.41 17.31 15.99
C THR A 38 -22.37 16.66 15.07
N TYR A 39 -22.39 17.03 13.79
CA TYR A 39 -21.42 16.50 12.86
C TYR A 39 -20.89 17.61 11.97
N THR A 40 -19.72 17.41 11.38
CA THR A 40 -19.19 18.39 10.44
C THR A 40 -18.48 17.64 9.31
N TYR A 41 -18.59 18.14 8.08
CA TYR A 41 -17.86 17.58 6.96
C TYR A 41 -16.49 18.23 6.90
N GLY A 42 -15.45 17.42 6.69
CA GLY A 42 -14.09 17.94 6.68
C GLY A 42 -13.75 18.73 5.43
N SER A 43 -13.31 19.97 5.64
CA SER A 43 -12.78 20.80 4.56
C SER A 43 -11.52 20.15 4.00
N GLY A 44 -10.67 19.67 4.91
CA GLY A 44 -9.35 19.19 4.56
C GLY A 44 -9.23 18.07 3.54
N ARG A 45 -8.25 18.23 2.65
CA ARG A 45 -7.89 17.20 1.70
C ARG A 45 -6.95 16.21 2.41
N LEU A 46 -7.18 14.92 2.21
CA LEU A 46 -6.38 13.90 2.87
C LEU A 46 -4.96 13.72 2.26
N ASP A 48 -2.68 15.75 2.61
CA ASP A 48 -2.27 17.00 3.24
C ASP A 48 -2.57 17.00 4.73
N ARG A 49 -1.67 16.38 5.51
CA ARG A 49 -1.81 16.30 6.97
C ARG A 49 -2.35 17.56 7.59
N GLN A 50 -1.62 18.66 7.39
CA GLN A 50 -1.93 19.91 8.04
C GLN A 50 -3.37 20.31 7.77
N SER A 51 -3.87 20.01 6.57
CA SER A 51 -5.29 20.23 6.24
C SER A 51 -6.23 19.44 7.16
N ILE A 52 -5.88 18.17 7.40
CA ILE A 52 -6.63 17.30 8.30
C ILE A 52 -6.39 17.65 9.77
N VAL A 53 -5.13 17.92 10.12
CA VAL A 53 -4.78 18.34 11.48
C VAL A 53 -5.59 19.57 11.89
N ALA A 54 -5.84 20.46 10.92
CA ALA A 54 -6.62 21.68 11.16
C ALA A 54 -8.08 21.37 11.49
N ASP A 55 -8.70 20.51 10.67
CA ASP A 55 -10.04 20.02 10.91
C ASP A 55 -10.20 19.44 12.32
N ILE A 56 -9.26 18.61 12.77
CA ILE A 56 -9.42 17.98 14.07
C ILE A 56 -9.41 19.02 15.19
N GLU A 57 -8.59 20.05 15.04
CA GLU A 57 -8.53 21.09 16.06
C GLU A 57 -9.73 22.05 15.99
N SER A 58 -10.14 22.37 14.76
CA SER A 58 -11.31 23.21 14.53
C SER A 58 -12.62 22.56 15.02
N VAL A 59 -12.80 21.27 14.73
CA VAL A 59 -14.04 20.55 15.07
C VAL A 59 -14.01 19.93 16.47
N LYS A 60 -12.81 19.62 16.94
CA LYS A 60 -12.62 18.90 18.19
C LYS A 60 -13.55 17.69 18.27
N PRO A 61 -13.48 16.80 17.26
CA PRO A 61 -14.47 15.72 17.14
C PRO A 61 -14.29 14.66 18.21
N SER A 62 -15.33 13.92 18.52
CA SER A 62 -15.22 12.78 19.42
C SER A 62 -14.87 11.52 18.63
N HIS A 63 -15.30 11.48 17.37
CA HIS A 63 -15.04 10.34 16.47
C HIS A 63 -14.93 10.89 15.04
N VAL A 64 -14.37 10.09 14.13
CA VAL A 64 -14.11 10.49 12.74
C VAL A 64 -14.62 9.42 11.78
N PHE A 65 -15.22 9.83 10.67
CA PHE A 65 -15.77 8.90 9.70
C PHE A 65 -15.15 9.14 8.34
N ASN A 66 -14.57 8.09 7.77
CA ASN A 66 -13.98 8.19 6.45
C ASN A 66 -14.86 7.56 5.37
N ALA A 67 -15.64 8.38 4.69
CA ALA A 67 -16.45 7.88 3.59
C ALA A 67 -15.88 8.44 2.29
N ALA A 68 -14.65 8.94 2.35
CA ALA A 68 -14.00 9.65 1.24
C ALA A 68 -13.93 8.85 -0.05
N GLY A 69 -14.46 7.64 -0.02
CA GLY A 69 -14.82 6.99 -1.25
C GLY A 69 -14.32 5.58 -1.24
N VAL A 70 -14.71 4.82 -2.25
CA VAL A 70 -15.79 5.24 -3.14
C VAL A 70 -16.97 4.40 -2.72
N THR A 71 -18.17 4.93 -2.79
CA THR A 71 -19.32 4.10 -2.49
C THR A 71 -19.62 3.12 -3.66
N GLY A 72 -19.20 1.86 -3.48
CA GLY A 72 -19.53 0.78 -4.40
C GLY A 72 -18.50 0.44 -5.45
N ARG A 73 -18.99 0.04 -6.64
CA ARG A 73 -18.15 -0.29 -7.80
C ARG A 73 -17.68 0.95 -8.56
N PRO A 74 -16.38 1.20 -8.51
CA PRO A 74 -15.80 2.36 -9.18
C PRO A 74 -14.66 1.96 -10.11
N ASN A 75 -14.82 2.24 -11.40
CA ASN A 75 -15.99 2.91 -11.92
C ASN A 75 -15.64 3.76 -13.13
N VAL A 76 -14.35 3.75 -13.48
CA VAL A 76 -13.85 4.44 -14.65
C VAL A 76 -12.71 3.62 -15.24
N ASP A 77 -11.96 4.19 -16.17
CA ASP A 77 -10.81 3.48 -16.72
C ASP A 77 -9.66 3.46 -15.73
N TRP A 78 -8.80 2.46 -15.85
CA TRP A 78 -7.61 2.40 -15.01
C TRP A 78 -6.31 2.78 -15.70
N CYS A 79 -6.28 4.00 -16.23
CA CYS A 79 -5.03 4.54 -16.73
C CYS A 79 -4.18 5.05 -15.56
N GLU A 80 -2.98 5.50 -15.88
CA GLU A 80 -2.08 5.99 -14.87
C GLU A 80 -2.66 7.14 -14.04
N SER A 81 -3.15 8.18 -14.71
CA SER A 81 -3.75 9.32 -14.00
C SER A 81 -4.87 8.89 -13.06
N HIS A 82 -5.60 7.82 -13.42
CA HIS A 82 -6.72 7.38 -12.61
C HIS A 82 -6.27 6.49 -11.47
N LYS A 83 -5.31 5.61 -11.76
CA LYS A 83 -4.73 4.77 -10.73
C LYS A 83 -4.06 5.66 -9.68
N VAL A 84 -3.26 6.63 -10.15
CA VAL A 84 -2.53 7.52 -9.25
C VAL A 84 -3.51 8.27 -8.38
N GLU A 85 -4.61 8.70 -8.99
CA GLU A 85 -5.62 9.46 -8.28
C GLU A 85 -6.21 8.65 -7.12
N THR A 86 -6.35 7.34 -7.27
CA THR A 86 -6.90 6.55 -6.17
C THR A 86 -5.83 6.28 -5.10
N ILE A 87 -4.57 6.27 -5.53
CA ILE A 87 -3.47 6.03 -4.60
C ILE A 87 -3.29 7.22 -3.68
N ARG A 88 -3.48 8.42 -4.21
CA ARG A 88 -3.31 9.64 -3.44
C ARG A 88 -4.38 9.79 -2.37
N THR A 89 -5.61 9.42 -2.70
CA THR A 89 -6.71 9.55 -1.76
C THR A 89 -7.01 8.29 -0.96
N ASN A 90 -6.98 7.11 -1.59
CA ASN A 90 -7.40 5.89 -0.90
C ASN A 90 -6.26 5.18 -0.19
N VAL A 91 -5.04 5.45 -0.64
CA VAL A 91 -3.86 4.97 0.04
C VAL A 91 -3.28 6.08 0.93
N ALA A 92 -2.59 7.05 0.33
CA ALA A 92 -1.81 8.01 1.15
C ALA A 92 -2.70 8.86 2.04
N GLY A 93 -3.86 9.24 1.52
CA GLY A 93 -4.78 10.04 2.29
C GLY A 93 -5.46 9.30 3.43
N THR A 94 -5.93 8.08 3.16
CA THR A 94 -6.51 7.24 4.20
C THR A 94 -5.48 6.87 5.27
N LEU A 95 -4.28 6.53 4.85
CA LEU A 95 -3.23 6.21 5.80
C LEU A 95 -2.86 7.45 6.64
N THR A 96 -2.76 8.62 5.99
CA THR A 96 -2.51 9.89 6.70
C THR A 96 -3.60 10.19 7.72
N LEU A 97 -4.85 10.00 7.32
CA LEU A 97 -5.99 10.21 8.23
C LEU A 97 -5.96 9.24 9.41
N ALA A 98 -5.69 7.96 9.16
CA ALA A 98 -5.60 6.98 10.24
C ALA A 98 -4.53 7.33 11.26
N ASP A 99 -3.43 7.87 10.76
CA ASP A 99 -2.25 8.21 11.55
C ASP A 99 -2.55 9.30 12.54
N ILE A 100 -3.06 10.41 12.01
CA ILE A 100 -3.45 11.57 12.77
C ILE A 100 -4.51 11.21 13.83
N CYS A 101 -5.50 10.39 13.44
CA CYS A 101 -6.49 9.95 14.40
C CYS A 101 -5.85 9.09 15.50
N ARG A 102 -4.93 8.22 15.12
CA ARG A 102 -4.29 7.35 16.09
C ARG A 102 -3.49 8.15 17.11
N GLU A 103 -2.65 9.06 16.60
CA GLU A 103 -1.93 9.98 17.47
C GLU A 103 -2.86 10.69 18.44
N LYS A 104 -4.04 11.10 17.98
CA LYS A 104 -4.96 11.88 18.82
C LYS A 104 -5.92 11.04 19.65
N GLY A 105 -5.77 9.72 19.58
CA GLY A 105 -6.65 8.83 20.33
C GLY A 105 -8.04 8.68 19.72
N LEU A 106 -8.22 9.24 18.53
CA LEU A 106 -9.54 9.27 17.88
C LEU A 106 -9.85 7.98 17.09
N VAL A 107 -11.04 7.42 17.36
CA VAL A 107 -11.59 6.31 16.58
C VAL A 107 -12.01 6.76 15.17
N LEU A 108 -11.61 5.98 14.19
CA LEU A 108 -11.87 6.29 12.81
C LEU A 108 -12.68 5.14 12.21
N ILE A 109 -13.88 5.46 11.77
CA ILE A 109 -14.72 4.50 11.07
C ILE A 109 -14.39 4.58 9.60
N ASN A 110 -13.72 3.56 9.09
CA ASN A 110 -13.32 3.51 7.69
C ASN A 110 -14.23 2.58 6.84
N TYR A 111 -15.08 3.20 6.04
CA TYR A 111 -15.91 2.50 5.07
C TYR A 111 -15.05 2.00 3.93
N ALA A 112 -15.12 0.71 3.63
CA ALA A 112 -14.24 0.10 2.67
C ALA A 112 -14.98 -1.02 1.96
N THR A 113 -14.25 -1.96 1.35
CA THR A 113 -14.86 -2.90 0.42
C THR A 113 -14.68 -4.37 0.77
N GLY A 114 -15.69 -5.17 0.45
CA GLY A 114 -15.59 -6.60 0.64
C GLY A 114 -15.33 -7.27 -0.68
N CYS A 115 -15.34 -6.46 -1.74
CA CYS A 115 -15.15 -6.96 -3.09
C CYS A 115 -13.69 -7.27 -3.38
N ILE A 116 -13.00 -7.78 -2.38
CA ILE A 116 -11.62 -8.17 -2.54
C ILE A 116 -11.47 -9.68 -2.26
N PHE A 117 -12.60 -10.35 -2.23
CA PHE A 117 -12.64 -11.77 -2.01
C PHE A 117 -13.36 -12.44 -3.17
N GLU A 118 -13.13 -13.73 -3.36
CA GLU A 118 -13.77 -14.46 -4.46
C GLU A 118 -14.04 -15.93 -4.11
N TYR A 119 -15.19 -16.44 -4.57
CA TYR A 119 -15.52 -17.86 -4.39
C TYR A 119 -14.33 -18.76 -4.78
N ASP A 120 -13.94 -19.65 -3.86
CA ASP A 120 -12.80 -20.55 -4.09
C ASP A 120 -13.01 -21.97 -3.56
N SER A 121 -11.98 -22.80 -3.67
CA SER A 121 -12.02 -24.19 -3.19
C SER A 121 -12.43 -24.36 -1.72
N GLY A 122 -12.17 -23.34 -0.90
CA GLY A 122 -12.42 -23.42 0.52
C GLY A 122 -13.60 -22.57 0.94
N HIS A 123 -14.11 -21.81 -0.02
CA HIS A 123 -15.35 -21.04 0.16
C HIS A 123 -16.16 -21.11 -1.15
N PRO A 124 -16.67 -22.30 -1.49
CA PRO A 124 -17.25 -22.46 -2.84
C PRO A 124 -18.61 -21.80 -3.02
N LEU A 125 -18.92 -21.45 -4.26
CA LEU A 125 -20.23 -20.94 -4.63
C LEU A 125 -21.31 -21.90 -4.17
N GLY A 126 -22.24 -21.41 -3.35
CA GLY A 126 -23.36 -22.21 -2.90
C GLY A 126 -23.17 -22.93 -1.56
N SER A 127 -21.95 -22.87 -1.03
CA SER A 127 -21.61 -23.63 0.18
C SER A 127 -22.11 -23.03 1.49
N GLY A 128 -22.48 -21.75 1.45
CA GLY A 128 -22.84 -21.05 2.67
C GLY A 128 -21.63 -20.78 3.55
N ILE A 129 -20.44 -21.14 3.06
CA ILE A 129 -19.20 -20.81 3.76
C ILE A 129 -18.68 -19.46 3.29
N GLY A 130 -18.63 -18.50 4.21
CA GLY A 130 -18.26 -17.13 3.87
C GLY A 130 -16.88 -16.76 4.38
N PHE A 131 -16.28 -15.77 3.72
CA PHE A 131 -14.97 -15.28 4.10
C PHE A 131 -15.00 -14.53 5.41
N LYS A 132 -13.96 -14.74 6.20
CA LYS A 132 -13.89 -14.08 7.50
C LYS A 132 -13.05 -12.80 7.47
N GLU A 133 -13.16 -12.01 8.53
CA GLU A 133 -12.34 -10.83 8.71
C GLU A 133 -10.85 -11.19 8.62
N GLU A 134 -10.46 -12.27 9.28
CA GLU A 134 -9.05 -12.66 9.35
C GLU A 134 -8.54 -13.18 8.02
N ASP A 135 -9.44 -13.56 7.13
CA ASP A 135 -9.06 -14.21 5.87
C ASP A 135 -8.25 -13.28 5.01
N THR A 136 -7.43 -13.87 4.16
CA THR A 136 -6.53 -13.11 3.32
C THR A 136 -7.19 -12.88 1.98
N PRO A 137 -7.34 -11.62 1.56
CA PRO A 137 -8.03 -11.32 0.30
C PRO A 137 -7.48 -12.19 -0.80
N ASN A 138 -8.38 -12.82 -1.56
CA ASN A 138 -7.95 -13.76 -2.58
C ASN A 138 -8.31 -13.30 -4.00
N PHE A 139 -8.86 -12.09 -4.11
CA PHE A 139 -9.30 -11.58 -5.41
C PHE A 139 -8.60 -10.26 -5.70
N THR A 140 -7.37 -10.33 -6.17
CA THR A 140 -6.56 -9.14 -6.28
C THR A 140 -5.78 -9.11 -7.58
N GLY A 141 -6.43 -9.56 -8.65
CA GLY A 141 -5.89 -9.40 -9.98
C GLY A 141 -5.92 -7.93 -10.34
N SER A 142 -7.11 -7.34 -10.33
CA SER A 142 -7.28 -5.95 -10.79
C SER A 142 -6.66 -4.92 -9.83
N PHE A 143 -6.29 -3.76 -10.40
CA PHE A 143 -5.66 -2.68 -9.62
C PHE A 143 -6.47 -2.24 -8.41
N TYR A 144 -7.73 -1.90 -8.64
CA TYR A 144 -8.58 -1.44 -7.56
C TYR A 144 -8.56 -2.45 -6.42
N SER A 145 -8.73 -3.72 -6.78
CA SER A 145 -8.80 -4.81 -5.82
C SER A 145 -7.51 -5.01 -5.01
N LYS A 146 -6.38 -4.98 -5.70
CA LYS A 146 -5.10 -5.17 -5.03
C LYS A 146 -4.86 -3.98 -4.09
N THR A 147 -5.21 -2.79 -4.56
CA THR A 147 -4.97 -1.57 -3.81
C THR A 147 -5.79 -1.50 -2.51
N LYS A 148 -7.08 -1.81 -2.60
CA LYS A 148 -7.92 -1.77 -1.40
C LYS A 148 -7.47 -2.84 -0.40
N ALA A 149 -7.08 -4.01 -0.89
CA ALA A 149 -6.49 -5.03 -0.02
C ALA A 149 -5.25 -4.50 0.72
N MET A 150 -4.30 -3.91 -0.01
CA MET A 150 -3.11 -3.27 0.57
C MET A 150 -3.42 -2.33 1.73
N VAL A 151 -4.29 -1.34 1.47
CA VAL A 151 -4.70 -0.39 2.52
C VAL A 151 -5.34 -1.12 3.68
N GLU A 152 -6.25 -2.05 3.39
CA GLU A 152 -6.89 -2.78 4.47
C GLU A 152 -5.86 -3.53 5.32
N GLU A 153 -4.90 -4.18 4.69
CA GLU A 153 -3.88 -4.88 5.44
C GLU A 153 -3.07 -3.91 6.30
N LEU A 154 -2.69 -2.77 5.72
CA LEU A 154 -1.97 -1.73 6.46
C LEU A 154 -2.77 -1.18 7.64
N LEU A 155 -4.06 -0.93 7.43
CA LEU A 155 -4.89 -0.39 8.50
C LEU A 155 -4.98 -1.32 9.72
N LYS A 156 -4.64 -2.60 9.54
CA LYS A 156 -4.58 -3.56 10.64
C LYS A 156 -3.60 -3.10 11.74
N ASN A 157 -2.62 -2.27 11.34
CA ASN A 157 -1.61 -1.79 12.28
C ASN A 157 -2.06 -0.57 13.08
N TYR A 158 -3.20 0.02 12.70
CA TYR A 158 -3.78 1.16 13.45
C TYR A 158 -4.93 0.70 14.34
N GLU A 159 -4.64 0.49 15.62
CA GLU A 159 -5.61 -0.06 16.56
C GLU A 159 -6.85 0.78 16.78
N ASN A 160 -6.86 2.00 16.27
CA ASN A 160 -7.98 2.92 16.48
C ASN A 160 -8.96 2.90 15.30
N VAL A 161 -8.59 2.21 14.24
CA VAL A 161 -9.35 2.20 13.00
C VAL A 161 -10.30 1.02 12.98
N CYS A 162 -11.52 1.29 12.50
CA CYS A 162 -12.52 0.25 12.33
C CYS A 162 -12.91 0.15 10.84
N THR A 163 -12.28 -0.79 10.15
CA THR A 163 -12.53 -1.05 8.74
C THR A 163 -13.81 -1.88 8.51
N LEU A 164 -14.68 -1.33 7.67
CA LEU A 164 -15.96 -1.94 7.34
C LEU A 164 -15.99 -2.40 5.87
N ARG A 165 -16.19 -3.71 5.66
CA ARG A 165 -16.26 -4.23 4.30
C ARG A 165 -17.69 -4.14 3.76
N VAL A 166 -17.95 -3.08 2.99
CA VAL A 166 -19.25 -2.86 2.34
C VAL A 166 -19.20 -3.51 0.97
N ARG A 167 -20.27 -4.23 0.60
CA ARG A 167 -20.40 -4.83 -0.73
C ARG A 167 -21.72 -4.38 -1.35
N MET A 168 -21.69 -4.17 -2.68
CA MET A 168 -22.85 -3.78 -3.48
C MET A 168 -23.91 -2.96 -2.74
N PRO A 169 -23.55 -1.75 -2.28
CA PRO A 169 -24.45 -0.99 -1.38
C PRO A 169 -25.82 -0.74 -2.00
N ILE A 170 -26.86 -0.77 -1.17
CA ILE A 170 -28.27 -0.69 -1.59
C ILE A 170 -29.10 0.24 -0.70
N SER A 171 -30.02 0.98 -1.30
CA SER A 171 -30.77 1.99 -0.57
C SER A 171 -32.27 1.88 -0.84
N SER A 172 -33.07 2.48 0.05
CA SER A 172 -34.49 2.63 -0.18
C SER A 172 -34.75 3.68 -1.28
N ASP A 173 -33.73 4.45 -1.63
CA ASP A 173 -33.82 5.46 -2.69
C ASP A 173 -33.51 4.80 -4.04
N LEU A 174 -34.55 4.36 -4.74
CA LEU A 174 -34.35 3.61 -5.97
C LEU A 174 -34.02 4.48 -7.19
N THR A 175 -33.87 5.79 -6.95
CA THR A 175 -33.63 6.74 -8.01
C THR A 175 -32.15 7.00 -8.16
N ASN A 176 -31.38 6.48 -7.21
CA ASN A 176 -29.95 6.74 -7.13
C ASN A 176 -29.16 5.74 -7.95
N PRO A 177 -28.52 6.21 -9.04
CA PRO A 177 -27.77 5.36 -9.97
C PRO A 177 -26.67 4.52 -9.30
N ARG A 178 -26.25 4.89 -8.11
CA ARG A 178 -25.21 4.13 -7.42
C ARG A 178 -25.81 2.89 -6.75
N ASN A 179 -27.11 2.94 -6.47
CA ASN A 179 -27.84 1.83 -5.89
C ASN A 179 -27.71 0.56 -6.73
N PHE A 180 -27.32 -0.54 -6.11
CA PHE A 180 -27.05 -1.76 -6.86
C PHE A 180 -28.30 -2.28 -7.54
N ILE A 181 -29.43 -2.17 -6.84
CA ILE A 181 -30.73 -2.55 -7.39
C ILE A 181 -31.03 -1.82 -8.70
N THR A 182 -31.00 -0.49 -8.68
CA THR A 182 -31.35 0.25 -9.89
C THR A 182 -30.36 0.05 -11.05
N LYS A 183 -29.09 -0.21 -10.76
CA LYS A 183 -28.15 -0.63 -11.78
C LYS A 183 -28.74 -1.84 -12.49
N ILE A 184 -28.86 -2.92 -11.74
CA ILE A 184 -29.34 -4.20 -12.23
C ILE A 184 -30.75 -4.14 -12.85
N ALA A 185 -31.63 -3.33 -12.26
CA ALA A 185 -32.96 -3.14 -12.83
C ALA A 185 -32.93 -2.37 -14.15
N ARG A 186 -31.83 -1.64 -14.39
CA ARG A 186 -31.73 -0.81 -15.59
C ARG A 186 -30.94 -1.52 -16.68
N TYR A 187 -30.44 -2.71 -16.36
CA TYR A 187 -29.63 -3.43 -17.33
C TYR A 187 -30.49 -4.36 -18.18
N GLU A 188 -29.91 -4.84 -19.28
CA GLU A 188 -30.64 -5.65 -20.26
C GLU A 188 -30.67 -7.12 -19.82
N LYS A 189 -29.49 -7.73 -19.82
CA LYS A 189 -29.28 -9.03 -19.21
C LYS A 189 -28.60 -8.81 -17.86
N VAL A 190 -28.40 -9.90 -17.12
CA VAL A 190 -27.75 -9.85 -15.82
C VAL A 190 -27.21 -11.24 -15.49
N VAL A 191 -26.29 -11.33 -14.55
CA VAL A 191 -25.43 -12.50 -14.43
C VAL A 191 -25.96 -13.61 -13.55
N ASP A 192 -26.85 -13.23 -12.62
CA ASP A 192 -27.37 -14.11 -11.57
C ASP A 192 -26.36 -14.92 -10.73
N ILE A 193 -25.67 -14.24 -9.82
CA ILE A 193 -24.78 -14.90 -8.85
C ILE A 193 -25.19 -14.49 -7.44
N PRO A 194 -25.39 -15.47 -6.55
CA PRO A 194 -25.62 -15.18 -5.13
C PRO A 194 -24.45 -14.36 -4.59
N ASN A 195 -24.73 -13.24 -3.92
CA ASN A 195 -23.68 -12.41 -3.36
C ASN A 195 -24.06 -11.87 -1.98
N SER A 196 -23.07 -11.59 -1.14
CA SER A 196 -23.29 -10.80 0.07
C SER A 196 -23.47 -9.32 -0.29
N MET A 197 -24.41 -8.65 0.36
CA MET A 197 -24.74 -7.28 -0.01
C MET A 197 -25.03 -6.46 1.23
N THR A 198 -24.94 -5.15 1.10
CA THR A 198 -25.08 -4.23 2.23
C THR A 198 -26.35 -3.39 2.09
N ILE A 199 -27.26 -3.48 3.06
CA ILE A 199 -28.42 -2.59 3.05
C ILE A 199 -28.11 -1.32 3.82
N LEU A 200 -27.71 -0.26 3.11
CA LEU A 200 -27.27 0.97 3.76
C LEU A 200 -28.27 1.54 4.78
N ASP A 201 -29.56 1.44 4.49
CA ASP A 201 -30.61 1.96 5.36
C ASP A 201 -30.59 1.30 6.74
N GLU A 202 -30.32 0.00 6.78
CA GLU A 202 -30.16 -0.71 8.05
C GLU A 202 -28.74 -0.59 8.62
N LEU A 203 -27.74 -0.76 7.76
CA LEU A 203 -26.35 -0.91 8.20
C LEU A 203 -25.66 0.41 8.56
N LEU A 204 -25.98 1.48 7.85
CA LEU A 204 -25.41 2.79 8.18
C LEU A 204 -25.73 3.28 9.59
N PRO A 205 -26.98 3.12 10.03
CA PRO A 205 -27.22 3.44 11.44
C PRO A 205 -26.32 2.64 12.40
N ILE A 206 -26.19 1.33 12.18
CA ILE A 206 -25.33 0.45 12.98
C ILE A 206 -23.89 0.94 13.03
N SER A 207 -23.40 1.47 11.92
CA SER A 207 -22.04 1.99 11.90
C SER A 207 -21.89 3.19 12.84
N ILE A 208 -22.92 4.03 12.93
CA ILE A 208 -22.90 5.11 13.93
C ILE A 208 -22.71 4.51 15.33
N GLU A 209 -23.38 3.37 15.56
CA GLU A 209 -23.35 2.71 16.87
C GLU A 209 -22.01 2.06 17.19
N MET A 210 -21.31 1.62 16.14
CA MET A 210 -20.00 0.97 16.29
C MET A 210 -19.00 1.99 16.78
N ALA A 211 -19.07 3.19 16.20
CA ALA A 211 -18.32 4.35 16.67
C ALA A 211 -18.63 4.63 18.14
N LYS A 212 -19.91 4.75 18.48
CA LYS A 212 -20.30 4.98 19.87
C LYS A 212 -19.70 3.94 20.82
N ARG A 213 -19.55 2.70 20.35
CA ARG A 213 -19.03 1.62 21.18
C ARG A 213 -17.53 1.50 21.08
N ASN A 214 -16.91 2.44 20.39
CA ASN A 214 -15.47 2.41 20.11
C ASN A 214 -14.93 1.07 19.54
N LEU A 215 -15.66 0.51 18.57
CA LEU A 215 -15.25 -0.75 17.94
C LEU A 215 -14.03 -0.55 17.03
N THR A 216 -13.22 -1.60 16.88
CA THR A 216 -12.01 -1.51 16.05
C THR A 216 -11.69 -2.85 15.39
N GLY A 217 -10.71 -2.85 14.49
CA GLY A 217 -10.41 -4.02 13.70
C GLY A 217 -11.29 -4.09 12.46
N ILE A 218 -11.33 -5.26 11.83
CA ILE A 218 -12.08 -5.44 10.61
C ILE A 218 -13.48 -6.01 10.90
N TYR A 219 -14.51 -5.46 10.27
CA TYR A 219 -15.82 -6.11 10.27
C TYR A 219 -16.34 -6.28 8.86
N ASN A 220 -16.68 -7.51 8.51
CA ASN A 220 -17.53 -7.79 7.36
C ASN A 220 -18.81 -7.01 7.60
N PHE A 221 -19.24 -6.23 6.62
CA PHE A 221 -20.30 -5.25 6.84
C PHE A 221 -21.40 -5.36 5.77
N THR A 222 -21.82 -6.59 5.54
CA THR A 222 -22.91 -6.90 4.63
C THR A 222 -23.91 -7.60 5.51
N ASN A 223 -25.17 -7.65 5.07
CA ASN A 223 -26.20 -8.37 5.81
C ASN A 223 -25.92 -9.85 5.73
N PRO A 224 -26.33 -10.60 6.76
CA PRO A 224 -26.18 -12.05 6.74
C PRO A 224 -26.88 -12.69 5.53
N GLY A 225 -26.31 -13.77 4.99
CA GLY A 225 -26.88 -14.44 3.84
C GLY A 225 -26.47 -13.88 2.46
N VAL A 226 -27.03 -14.48 1.41
CA VAL A 226 -26.77 -14.02 0.04
C VAL A 226 -28.05 -13.88 -0.79
N VAL A 227 -28.08 -12.90 -1.70
CA VAL A 227 -29.08 -12.84 -2.79
C VAL A 227 -28.45 -12.89 -4.17
N SER A 228 -29.13 -13.56 -5.11
CA SER A 228 -28.71 -13.49 -6.49
C SER A 228 -29.38 -12.27 -7.11
N HIS A 229 -28.93 -11.91 -8.32
CA HIS A 229 -29.51 -10.78 -9.07
C HIS A 229 -30.96 -11.04 -9.39
N ASN A 230 -31.27 -12.31 -9.66
CA ASN A 230 -32.62 -12.71 -10.00
C ASN A 230 -33.58 -12.60 -8.84
N GLU A 231 -33.16 -13.06 -7.66
CA GLU A 231 -34.03 -13.03 -6.49
C GLU A 231 -34.41 -11.59 -6.23
N ILE A 232 -33.51 -10.68 -6.60
CA ILE A 232 -33.71 -9.26 -6.42
C ILE A 232 -34.69 -8.70 -7.47
N LEU A 233 -34.41 -8.98 -8.74
CA LEU A 233 -35.27 -8.53 -9.83
C LEU A 233 -36.71 -8.99 -9.66
N GLU A 234 -36.88 -10.22 -9.15
CA GLU A 234 -38.22 -10.75 -8.88
C GLU A 234 -38.92 -9.87 -7.85
N MET A 235 -38.19 -9.50 -6.80
CA MET A 235 -38.72 -8.58 -5.81
C MET A 235 -38.99 -7.18 -6.38
N TYR A 236 -38.17 -6.76 -7.31
CA TYR A 236 -38.41 -5.49 -7.99
C TYR A 236 -39.76 -5.55 -8.69
N ARG A 237 -39.96 -6.67 -9.40
CA ARG A 237 -41.14 -6.91 -10.21
C ARG A 237 -42.41 -6.93 -9.39
N ASP A 238 -42.42 -7.66 -8.28
CA ASP A 238 -43.68 -7.84 -7.55
C ASP A 238 -43.96 -6.64 -6.66
N TYR A 239 -42.93 -5.86 -6.38
CA TYR A 239 -43.14 -4.74 -5.50
C TYR A 239 -43.29 -3.42 -6.25
N ILE A 240 -42.45 -3.18 -7.25
CA ILE A 240 -42.48 -1.87 -7.86
C ILE A 240 -43.06 -1.86 -9.29
N ASP A 241 -42.65 -2.79 -10.13
CA ASP A 241 -43.17 -2.82 -11.49
C ASP A 241 -43.47 -4.24 -11.95
N PRO A 242 -44.75 -4.67 -11.85
CA PRO A 242 -45.19 -6.01 -12.25
C PRO A 242 -44.96 -6.30 -13.73
N SER A 243 -44.83 -5.23 -14.51
CA SER A 243 -44.63 -5.31 -15.94
C SER A 243 -43.16 -5.43 -16.31
N PHE A 244 -42.30 -5.62 -15.29
CA PHE A 244 -40.84 -5.66 -15.49
C PHE A 244 -40.28 -6.97 -16.07
N THR A 245 -39.29 -6.83 -16.94
CA THR A 245 -38.73 -7.95 -17.70
C THR A 245 -37.22 -7.97 -17.64
N TRP A 246 -36.62 -9.15 -17.80
CA TRP A 246 -35.16 -9.27 -17.87
C TRP A 246 -34.74 -10.63 -18.42
N LYS A 247 -33.59 -10.67 -19.11
CA LYS A 247 -33.01 -11.94 -19.56
C LYS A 247 -31.66 -12.18 -18.89
N ASN A 248 -31.14 -13.40 -19.03
CA ASN A 248 -29.86 -13.75 -18.42
C ASN A 248 -28.78 -14.06 -19.45
N PHE A 249 -27.57 -14.36 -18.95
CA PHE A 249 -26.46 -14.79 -19.79
C PHE A 249 -26.38 -16.32 -19.81
N THR A 250 -26.14 -16.89 -20.99
CA THR A 250 -26.07 -18.34 -21.12
C THR A 250 -24.63 -18.87 -21.24
N GLU A 253 -21.74 -17.69 -20.34
CA GLU A 253 -21.34 -17.47 -21.73
C GLU A 253 -19.96 -16.82 -21.79
N PRO A 261 -13.83 -9.11 -15.01
CA PRO A 261 -14.36 -10.00 -13.97
C PRO A 261 -14.84 -9.28 -12.70
N ARG A 262 -16.09 -9.49 -12.29
CA ARG A 262 -16.58 -8.88 -11.06
C ARG A 262 -16.38 -9.82 -9.86
N SER A 263 -16.30 -9.22 -8.67
CA SER A 263 -16.08 -9.97 -7.44
C SER A 263 -17.38 -10.67 -7.04
N ASN A 264 -17.32 -11.98 -6.86
CA ASN A 264 -18.46 -12.72 -6.35
C ASN A 264 -18.09 -13.51 -5.12
N ASN A 265 -18.81 -13.28 -4.02
CA ASN A 265 -18.48 -13.93 -2.76
C ASN A 265 -19.60 -13.89 -1.74
N GLU A 266 -19.43 -14.69 -0.69
CA GLU A 266 -20.21 -14.56 0.54
C GLU A 266 -19.27 -14.14 1.69
N LEU A 267 -19.72 -13.20 2.53
CA LEU A 267 -18.92 -12.70 3.66
C LEU A 267 -19.57 -13.19 4.94
N ASP A 268 -18.78 -13.86 5.79
CA ASP A 268 -19.27 -14.36 7.07
C ASP A 268 -19.72 -13.21 7.98
N ALA A 269 -20.98 -13.25 8.41
CA ALA A 269 -21.54 -12.15 9.21
C ALA A 269 -21.55 -12.43 10.72
N THR A 270 -20.94 -13.53 11.13
CA THR A 270 -20.90 -13.92 12.54
C THR A 270 -20.46 -12.80 13.48
N LYS A 271 -19.32 -12.19 13.16
CA LYS A 271 -18.78 -11.14 14.01
C LYS A 271 -19.70 -9.92 14.14
N LEU A 272 -20.30 -9.47 13.05
CA LEU A 272 -21.25 -8.33 13.12
C LEU A 272 -22.54 -8.71 13.86
N LYS A 273 -23.03 -9.94 13.63
CA LYS A 273 -24.28 -10.40 14.25
C LYS A 273 -24.14 -10.58 15.76
N THR A 274 -22.98 -11.10 16.18
CA THR A 274 -22.69 -11.28 17.59
C THR A 274 -22.75 -9.93 18.31
N GLU A 275 -22.22 -8.90 17.67
CA GLU A 275 -22.24 -7.55 18.21
C GLU A 275 -23.58 -6.85 17.99
N PHE A 276 -24.34 -7.29 16.98
CA PHE A 276 -25.67 -6.70 16.68
C PHE A 276 -26.72 -7.78 16.36
N PRO A 277 -27.32 -8.40 17.40
CA PRO A 277 -28.31 -9.48 17.26
C PRO A 277 -29.53 -9.12 16.40
N GLU A 278 -29.90 -7.85 16.44
CA GLU A 278 -30.99 -7.31 15.67
C GLU A 278 -30.71 -7.25 14.16
N LEU A 279 -29.47 -7.55 13.75
CA LEU A 279 -29.11 -7.48 12.33
C LEU A 279 -29.90 -8.50 11.50
N MET A 280 -30.60 -8.02 10.47
CA MET A 280 -31.43 -8.88 9.65
C MET A 280 -30.71 -9.39 8.40
N SER A 281 -31.19 -10.51 7.85
CA SER A 281 -30.62 -11.03 6.62
C SER A 281 -31.09 -10.24 5.41
N ILE A 282 -30.38 -10.41 4.29
CA ILE A 282 -30.64 -9.57 3.13
C ILE A 282 -32.08 -9.59 2.75
N LYS A 283 -32.61 -10.79 2.49
CA LYS A 283 -33.98 -10.94 2.03
C LYS A 283 -34.97 -10.19 2.92
N GLU A 284 -34.94 -10.48 4.22
CA GLU A 284 -35.87 -9.78 5.10
C GLU A 284 -35.55 -8.29 5.19
N SER A 285 -34.25 -7.96 5.14
CA SER A 285 -33.80 -6.57 5.21
C SER A 285 -34.17 -5.81 3.95
N LEU A 286 -34.00 -6.47 2.80
CA LEU A 286 -34.51 -5.96 1.53
C LEU A 286 -36.01 -5.68 1.58
N ILE A 287 -36.81 -6.65 2.02
CA ILE A 287 -38.26 -6.47 2.12
C ILE A 287 -38.64 -5.28 3.00
N LYS A 288 -38.07 -5.26 4.20
CA LYS A 288 -38.47 -4.30 5.22
C LYS A 288 -37.97 -2.88 4.96
N PHE A 289 -36.76 -2.77 4.43
CA PHE A 289 -36.14 -1.44 4.32
C PHE A 289 -36.23 -0.87 2.93
N VAL A 290 -36.34 -1.75 1.93
CA VAL A 290 -36.23 -1.28 0.56
C VAL A 290 -37.55 -1.40 -0.20
N PHE A 291 -38.10 -2.60 -0.29
CA PHE A 291 -39.26 -2.87 -1.15
C PHE A 291 -40.64 -2.49 -0.57
N GLU A 292 -40.93 -2.87 0.67
CA GLU A 292 -42.22 -2.51 1.29
C GLU A 292 -42.51 -1.01 1.42
N PRO A 293 -41.51 -0.19 1.79
CA PRO A 293 -41.83 1.25 1.81
C PRO A 293 -41.66 1.90 0.44
N ASN A 294 -41.75 1.09 -0.61
CA ASN A 294 -41.73 1.60 -1.97
C ASN A 294 -42.85 1.01 -2.86
N LYS A 295 -43.87 0.40 -2.25
CA LYS A 295 -44.96 -0.22 -3.01
C LYS A 295 -45.73 0.80 -3.87
N SER B 12 21.98 23.62 -15.21
CA SER B 12 21.23 22.55 -15.88
C SER B 12 20.80 21.42 -14.93
N PHE B 13 21.77 20.89 -14.17
CA PHE B 13 21.50 19.82 -13.21
C PHE B 13 21.35 20.38 -11.80
N ASN B 14 20.24 20.07 -11.17
CA ASN B 14 20.00 20.53 -9.81
C ASN B 14 19.21 19.47 -9.08
N PHE B 15 19.77 19.01 -7.97
CA PHE B 15 19.27 17.84 -7.29
C PHE B 15 18.61 18.20 -5.98
N LEU B 16 17.41 17.69 -5.77
CA LEU B 16 16.79 17.79 -4.47
C LEU B 16 16.91 16.41 -3.87
N ILE B 17 17.47 16.30 -2.67
CA ILE B 17 17.74 15.02 -2.04
C ILE B 17 17.10 14.91 -0.65
N TYR B 18 16.36 13.82 -0.43
CA TYR B 18 15.79 13.54 0.89
C TYR B 18 16.55 12.41 1.59
N GLY B 19 16.73 12.56 2.89
CA GLY B 19 17.49 11.61 3.70
C GLY B 19 18.93 12.05 3.99
N LYS B 20 19.11 13.29 4.46
CA LYS B 20 20.47 13.81 4.72
C LYS B 20 21.13 13.16 5.94
N THR B 21 20.33 12.84 6.95
CA THR B 21 20.78 12.13 8.14
C THR B 21 20.95 10.64 7.89
N GLY B 22 21.01 10.26 6.61
CA GLY B 22 21.06 8.87 6.23
C GLY B 22 22.34 8.52 5.50
N TRP B 23 22.60 7.21 5.38
CA TRP B 23 23.81 6.74 4.76
C TRP B 23 23.87 7.13 3.27
N ILE B 24 22.96 6.61 2.48
CA ILE B 24 22.90 6.96 1.06
C ILE B 24 22.73 8.48 0.82
N GLY B 25 21.90 9.14 1.63
CA GLY B 25 21.70 10.58 1.53
C GLY B 25 22.99 11.40 1.65
N GLY B 26 23.70 11.23 2.76
CA GLY B 26 25.03 11.80 2.93
C GLY B 26 26.03 11.51 1.81
N LEU B 27 26.17 10.23 1.43
CA LEU B 27 27.13 9.87 0.40
C LEU B 27 26.80 10.56 -0.93
N LEU B 28 25.51 10.71 -1.19
CA LEU B 28 25.03 11.43 -2.38
C LEU B 28 25.47 12.89 -2.37
N GLY B 29 25.44 13.50 -1.19
CA GLY B 29 25.91 14.88 -1.04
C GLY B 29 27.37 15.03 -1.41
N LYS B 30 28.23 14.20 -0.79
CA LYS B 30 29.66 14.17 -1.08
C LYS B 30 29.91 13.84 -2.55
N LEU B 31 29.13 12.92 -3.10
CA LEU B 31 29.20 12.61 -4.52
C LEU B 31 28.94 13.86 -5.36
N CYS B 32 27.94 14.62 -4.95
CA CYS B 32 27.53 15.79 -5.70
C CYS B 32 28.51 16.96 -5.59
N GLU B 33 29.37 16.93 -4.59
CA GLU B 33 30.45 17.92 -4.53
C GLU B 33 31.50 17.57 -5.57
N ALA B 34 32.11 16.40 -5.41
CA ALA B 34 33.22 15.96 -6.28
C ALA B 34 32.82 15.94 -7.75
N GLN B 35 31.53 15.71 -8.02
CA GLN B 35 31.05 15.73 -9.40
C GLN B 35 30.80 17.17 -9.86
N GLY B 36 30.67 18.09 -8.89
CA GLY B 36 30.44 19.49 -9.17
C GLY B 36 28.99 19.82 -9.54
N ILE B 37 28.08 19.02 -9.00
CA ILE B 37 26.65 19.14 -9.31
C ILE B 37 25.93 19.92 -8.21
N THR B 38 25.13 20.89 -8.61
CA THR B 38 24.31 21.64 -7.66
C THR B 38 23.30 20.72 -6.98
N TYR B 39 23.28 20.72 -5.64
CA TYR B 39 22.34 19.90 -4.88
C TYR B 39 21.87 20.61 -3.62
N THR B 40 20.76 20.15 -3.05
CA THR B 40 20.24 20.68 -1.80
C THR B 40 19.48 19.56 -1.11
N TYR B 41 19.60 19.50 0.22
CA TYR B 41 18.90 18.51 1.01
C TYR B 41 17.51 19.02 1.37
N GLY B 42 16.48 18.26 0.97
CA GLY B 42 15.10 18.59 1.26
C GLY B 42 14.82 18.92 2.73
N SER B 43 14.50 20.17 2.98
CA SER B 43 14.22 20.63 4.33
C SER B 43 12.98 19.90 4.83
N GLY B 44 11.98 19.84 3.96
CA GLY B 44 10.66 19.33 4.31
C GLY B 44 10.61 17.90 4.81
N ARG B 45 9.40 17.50 5.18
CA ARG B 45 9.14 16.15 5.69
C ARG B 45 8.25 15.39 4.71
N LEU B 46 8.55 14.11 4.52
CA LEU B 46 7.82 13.28 3.56
C LEU B 46 6.39 13.04 4.02
N GLN B 47 6.19 13.00 5.34
CA GLN B 47 4.87 12.91 5.93
C GLN B 47 3.84 13.95 5.42
N ASP B 48 4.28 15.15 5.04
CA ASP B 48 3.33 16.16 4.53
C ASP B 48 3.64 16.80 3.17
N ARG B 49 2.60 16.85 2.35
CA ARG B 49 2.69 17.34 0.98
C ARG B 49 3.06 18.82 0.87
N GLN B 50 2.67 19.59 1.89
CA GLN B 50 2.91 21.03 1.92
C GLN B 50 4.40 21.31 1.84
N SER B 51 5.15 20.64 2.72
CA SER B 51 6.60 20.76 2.78
C SER B 51 7.23 20.50 1.43
N ILE B 52 6.84 19.40 0.81
CA ILE B 52 7.51 18.94 -0.39
C ILE B 52 7.34 19.92 -1.53
N VAL B 53 6.10 20.35 -1.74
CA VAL B 53 5.75 21.35 -2.75
C VAL B 53 6.58 22.62 -2.59
N ALA B 54 6.73 23.05 -1.35
CA ALA B 54 7.58 24.19 -1.00
C ALA B 54 9.03 23.99 -1.44
N ASP B 55 9.65 22.89 -0.98
CA ASP B 55 11.02 22.58 -1.33
C ASP B 55 11.23 22.63 -2.84
N ILE B 56 10.34 21.98 -3.58
CA ILE B 56 10.44 21.94 -5.03
C ILE B 56 10.39 23.33 -5.62
N GLU B 57 9.34 24.08 -5.27
CA GLU B 57 9.17 25.44 -5.77
C GLU B 57 10.30 26.40 -5.36
N SER B 58 10.87 26.17 -4.17
CA SER B 58 12.02 26.95 -3.72
C SER B 58 13.31 26.56 -4.40
N VAL B 59 13.56 25.25 -4.52
CA VAL B 59 14.83 24.77 -5.04
C VAL B 59 14.82 24.70 -6.57
N LYS B 60 13.65 24.52 -7.15
CA LYS B 60 13.50 24.30 -8.58
C LYS B 60 14.47 23.23 -9.11
N PRO B 61 14.37 21.99 -8.58
CA PRO B 61 15.26 20.90 -8.97
C PRO B 61 14.91 20.32 -10.33
N SER B 62 15.86 19.69 -11.00
CA SER B 62 15.62 19.00 -12.26
C SER B 62 15.38 17.53 -11.99
N HIS B 63 16.01 17.03 -10.95
CA HIS B 63 15.76 15.67 -10.51
C HIS B 63 15.64 15.63 -8.99
N VAL B 64 14.92 14.62 -8.50
CA VAL B 64 14.76 14.39 -7.07
C VAL B 64 15.21 12.99 -6.66
N PHE B 65 15.87 12.90 -5.51
CA PHE B 65 16.39 11.64 -4.98
C PHE B 65 15.74 11.29 -3.66
N ASN B 66 15.21 10.07 -3.57
CA ASN B 66 14.68 9.61 -2.29
C ASN B 66 15.50 8.56 -1.58
N ALA B 67 16.29 9.02 -0.62
CA ALA B 67 17.02 8.12 0.25
C ALA B 67 16.54 8.28 1.69
N ALA B 68 15.29 8.69 1.87
CA ALA B 68 14.69 8.63 3.19
C ALA B 68 14.42 7.15 3.51
N GLY B 69 14.35 6.80 4.78
CA GLY B 69 14.23 5.40 5.14
C GLY B 69 15.57 4.65 5.10
N VAL B 70 15.49 3.32 5.16
CA VAL B 70 16.65 2.41 5.37
C VAL B 70 17.98 2.80 4.71
N TRP B 78 9.39 -5.07 15.38
CA TRP B 78 8.31 -4.25 14.81
C TRP B 78 7.05 -4.18 15.68
N CYS B 79 7.01 -3.28 16.66
CA CYS B 79 5.77 -3.03 17.40
C CYS B 79 4.83 -2.09 16.60
N GLU B 80 3.62 -1.87 17.09
CA GLU B 80 2.68 -0.98 16.39
C GLU B 80 3.25 0.44 16.13
N SER B 81 3.78 1.07 17.17
CA SER B 81 4.24 2.43 17.06
C SER B 81 5.28 2.57 15.96
N HIS B 82 6.19 1.60 15.89
CA HIS B 82 7.23 1.64 14.89
C HIS B 82 6.78 1.21 13.48
N LYS B 83 5.85 0.27 13.41
CA LYS B 83 5.18 -0.02 12.14
C LYS B 83 4.41 1.21 11.59
N VAL B 84 3.58 1.82 12.43
CA VAL B 84 2.87 3.04 12.04
C VAL B 84 3.85 4.12 11.56
N GLU B 85 4.94 4.32 12.30
CA GLU B 85 5.96 5.30 11.92
C GLU B 85 6.54 5.02 10.53
N THR B 86 6.83 3.74 10.26
CA THR B 86 7.38 3.31 8.99
C THR B 86 6.41 3.49 7.85
N ILE B 87 5.14 3.20 8.11
CA ILE B 87 4.09 3.45 7.13
C ILE B 87 4.01 4.93 6.74
N ARG B 88 4.10 5.79 7.75
CA ARG B 88 4.03 7.24 7.57
C ARG B 88 5.11 7.78 6.63
N THR B 89 6.28 7.15 6.65
CA THR B 89 7.44 7.65 5.91
C THR B 89 7.73 6.84 4.64
N ASN B 90 7.54 5.52 4.73
CA ASN B 90 7.89 4.63 3.65
C ASN B 90 6.75 4.45 2.69
N VAL B 91 5.54 4.64 3.20
CA VAL B 91 4.37 4.44 2.37
C VAL B 91 3.75 5.77 2.00
N ALA B 92 3.04 6.39 2.95
CA ALA B 92 2.36 7.68 2.71
C ALA B 92 3.30 8.71 2.13
N GLY B 93 4.43 8.91 2.82
CA GLY B 93 5.44 9.88 2.46
C GLY B 93 6.04 9.64 1.10
N THR B 94 6.47 8.41 0.86
CA THR B 94 7.05 8.05 -0.44
C THR B 94 6.06 8.21 -1.59
N LEU B 95 4.81 7.82 -1.36
CA LEU B 95 3.76 7.96 -2.36
C LEU B 95 3.43 9.43 -2.62
N THR B 96 3.47 10.25 -1.59
CA THR B 96 3.20 11.68 -1.75
C THR B 96 4.28 12.39 -2.58
N LEU B 97 5.54 12.14 -2.25
CA LEU B 97 6.68 12.69 -2.99
C LEU B 97 6.62 12.25 -4.44
N ALA B 98 6.37 10.96 -4.65
CA ALA B 98 6.20 10.42 -5.99
C ALA B 98 5.14 11.21 -6.78
N ASP B 99 3.99 11.40 -6.15
CA ASP B 99 2.85 12.10 -6.75
C ASP B 99 3.20 13.53 -7.17
N ILE B 100 3.70 14.30 -6.22
CA ILE B 100 4.15 15.67 -6.48
C ILE B 100 5.18 15.72 -7.62
N CYS B 101 6.20 14.85 -7.55
CA CYS B 101 7.25 14.82 -8.55
C CYS B 101 6.67 14.52 -9.91
N ARG B 102 5.60 13.72 -9.91
CA ARG B 102 4.93 13.37 -11.16
C ARG B 102 4.14 14.55 -11.70
N GLU B 103 3.37 15.20 -10.83
CA GLU B 103 2.63 16.39 -11.21
C GLU B 103 3.60 17.43 -11.79
N LYS B 104 4.81 17.48 -11.25
CA LYS B 104 5.81 18.47 -11.69
C LYS B 104 6.72 18.04 -12.86
N GLY B 105 6.63 16.77 -13.24
CA GLY B 105 7.42 16.29 -14.36
C GLY B 105 8.83 15.86 -13.98
N LEU B 106 9.06 15.66 -12.69
CA LEU B 106 10.40 15.38 -12.15
C LEU B 106 10.68 13.90 -12.01
N VAL B 107 11.80 13.46 -12.57
CA VAL B 107 12.24 12.08 -12.35
C VAL B 107 12.56 11.90 -10.87
N LEU B 108 11.93 10.91 -10.23
CA LEU B 108 12.25 10.60 -8.83
C LEU B 108 13.10 9.33 -8.71
N ILE B 109 14.35 9.46 -8.27
CA ILE B 109 15.14 8.26 -7.98
C ILE B 109 14.77 7.76 -6.61
N ASN B 110 14.24 6.54 -6.56
CA ASN B 110 13.72 5.98 -5.33
C ASN B 110 14.55 4.82 -4.81
N TYR B 111 15.33 5.06 -3.74
CA TYR B 111 16.23 4.02 -3.22
C TYR B 111 15.45 3.07 -2.37
N ALA B 112 15.40 1.81 -2.81
CA ALA B 112 14.56 0.79 -2.20
C ALA B 112 15.37 -0.48 -1.92
N THR B 113 14.67 -1.62 -1.85
CA THR B 113 15.27 -2.88 -1.40
C THR B 113 15.01 -4.08 -2.29
N GLY B 114 16.00 -4.97 -2.38
CA GLY B 114 15.83 -6.21 -3.12
C GLY B 114 15.55 -7.35 -2.18
N CYS B 115 15.49 -7.05 -0.89
CA CYS B 115 15.29 -8.10 0.10
C CYS B 115 13.82 -8.49 0.25
N ILE B 116 13.09 -8.48 -0.86
CA ILE B 116 11.72 -8.93 -0.89
C ILE B 116 11.59 -10.14 -1.81
N PHE B 117 12.72 -10.80 -2.05
CA PHE B 117 12.73 -12.02 -2.83
C PHE B 117 13.45 -13.07 -2.00
N GLU B 118 13.27 -14.34 -2.30
CA GLU B 118 14.10 -15.39 -1.70
C GLU B 118 14.18 -16.58 -2.62
N TYR B 119 15.27 -17.35 -2.54
CA TYR B 119 15.45 -18.54 -3.37
C TYR B 119 14.24 -19.44 -3.32
N ASP B 120 13.84 -19.98 -4.47
CA ASP B 120 12.65 -20.84 -4.55
C ASP B 120 12.68 -21.81 -5.74
N SER B 121 11.72 -22.73 -5.78
CA SER B 121 11.62 -23.77 -6.81
C SER B 121 11.96 -23.32 -8.23
N GLY B 122 11.63 -22.07 -8.56
CA GLY B 122 11.94 -21.53 -9.87
C GLY B 122 13.24 -20.76 -9.97
N HIS B 123 13.84 -20.45 -8.82
CA HIS B 123 15.12 -19.72 -8.78
C HIS B 123 15.94 -20.30 -7.64
N PRO B 124 16.41 -21.55 -7.80
CA PRO B 124 16.92 -22.26 -6.62
C PRO B 124 18.27 -21.74 -6.17
N LEU B 125 18.56 -21.94 -4.89
CA LEU B 125 19.86 -21.60 -4.35
C LEU B 125 20.94 -22.28 -5.17
N GLY B 126 21.79 -21.48 -5.80
CA GLY B 126 22.95 -22.00 -6.49
C GLY B 126 22.76 -22.09 -7.98
N SER B 127 21.61 -21.62 -8.47
CA SER B 127 21.24 -21.83 -9.87
C SER B 127 21.87 -20.89 -10.91
N GLY B 128 22.06 -19.63 -10.55
CA GLY B 128 22.39 -18.61 -11.53
C GLY B 128 21.15 -17.95 -12.11
N ILE B 129 19.97 -18.52 -11.85
CA ILE B 129 18.75 -17.82 -12.26
C ILE B 129 18.29 -16.84 -11.19
N GLY B 130 18.41 -15.55 -11.50
CA GLY B 130 18.03 -14.51 -10.58
C GLY B 130 16.62 -14.00 -10.80
N PHE B 131 16.09 -13.35 -9.78
CA PHE B 131 14.80 -12.71 -9.89
C PHE B 131 14.90 -11.48 -10.79
N LYS B 132 13.90 -11.31 -11.65
CA LYS B 132 13.88 -10.17 -12.56
C LYS B 132 13.02 -9.04 -12.03
N GLU B 133 13.19 -7.87 -12.66
CA GLU B 133 12.53 -6.65 -12.24
C GLU B 133 11.03 -6.88 -12.27
N GLU B 134 10.60 -7.62 -13.30
CA GLU B 134 9.19 -7.87 -13.59
C GLU B 134 8.56 -8.91 -12.65
N ASP B 135 9.38 -9.52 -11.81
CA ASP B 135 8.89 -10.61 -10.97
C ASP B 135 8.05 -10.17 -9.80
N THR B 136 7.20 -11.09 -9.36
CA THR B 136 6.40 -10.87 -8.18
C THR B 136 7.21 -11.22 -6.94
N PRO B 137 7.46 -10.23 -6.07
CA PRO B 137 8.09 -10.43 -4.75
C PRO B 137 7.54 -11.66 -4.07
N ASN B 138 8.44 -12.57 -3.71
CA ASN B 138 8.03 -13.87 -3.17
C ASN B 138 8.35 -14.02 -1.70
N PHE B 139 8.83 -12.94 -1.09
CA PHE B 139 9.24 -12.92 0.30
C PHE B 139 8.54 -11.72 0.92
N THR B 140 7.44 -11.98 1.61
CA THR B 140 6.55 -10.90 2.03
C THR B 140 5.85 -11.24 3.32
N GLY B 141 6.45 -12.14 4.10
CA GLY B 141 5.93 -12.47 5.41
C GLY B 141 6.21 -11.39 6.43
N SER B 142 7.47 -10.99 6.56
CA SER B 142 7.82 -9.91 7.48
C SER B 142 7.14 -8.60 7.05
N PHE B 143 6.68 -7.83 8.04
CA PHE B 143 6.08 -6.52 7.84
C PHE B 143 6.90 -5.60 6.96
N TYR B 144 8.19 -5.45 7.27
CA TYR B 144 9.07 -4.62 6.46
C TYR B 144 9.06 -5.07 5.01
N SER B 145 9.11 -6.38 4.82
CA SER B 145 9.18 -6.96 3.48
C SER B 145 7.90 -6.72 2.70
N LYS B 146 6.78 -6.89 3.39
CA LYS B 146 5.48 -6.79 2.75
C LYS B 146 5.25 -5.33 2.38
N THR B 147 5.47 -4.45 3.33
CA THR B 147 5.30 -3.02 3.14
C THR B 147 6.19 -2.51 2.00
N LYS B 148 7.42 -2.98 1.94
CA LYS B 148 8.30 -2.58 0.86
C LYS B 148 7.79 -3.10 -0.49
N ALA B 149 7.28 -4.33 -0.50
CA ALA B 149 6.68 -4.88 -1.71
C ALA B 149 5.43 -4.10 -2.14
N MET B 150 4.59 -3.72 -1.18
CA MET B 150 3.39 -2.92 -1.48
C MET B 150 3.74 -1.61 -2.19
N VAL B 151 4.67 -0.85 -1.60
CA VAL B 151 5.09 0.43 -2.17
C VAL B 151 5.69 0.27 -3.56
N GLU B 152 6.58 -0.70 -3.73
CA GLU B 152 7.16 -0.95 -5.05
C GLU B 152 6.08 -1.25 -6.10
N GLU B 153 5.11 -2.10 -5.75
CA GLU B 153 4.01 -2.39 -6.65
C GLU B 153 3.29 -1.10 -7.03
N LEU B 154 2.84 -0.35 -6.02
CA LEU B 154 2.15 0.91 -6.27
C LEU B 154 2.96 1.89 -7.14
N LEU B 155 4.27 2.01 -6.90
CA LEU B 155 5.11 3.00 -7.58
C LEU B 155 5.24 2.76 -9.10
N LYS B 156 4.82 1.59 -9.54
CA LYS B 156 4.88 1.21 -10.95
C LYS B 156 4.00 2.13 -11.79
N ASN B 157 2.94 2.64 -11.17
CA ASN B 157 1.98 3.49 -11.87
C ASN B 157 2.45 4.93 -12.05
N TYR B 158 3.69 5.18 -11.63
CA TYR B 158 4.28 6.52 -11.67
C TYR B 158 5.42 6.56 -12.68
N GLU B 159 5.08 6.88 -13.92
CA GLU B 159 6.02 6.85 -15.04
C GLU B 159 7.37 7.54 -14.78
N ASN B 160 7.38 8.51 -13.87
CA ASN B 160 8.59 9.29 -13.59
C ASN B 160 9.49 8.64 -12.56
N VAL B 161 8.92 7.77 -11.72
CA VAL B 161 9.72 7.15 -10.68
C VAL B 161 10.62 6.04 -11.20
N CYS B 162 11.87 6.08 -10.74
CA CYS B 162 12.85 5.02 -10.93
C CYS B 162 13.15 4.38 -9.58
N THR B 163 12.81 3.10 -9.43
CA THR B 163 12.99 2.40 -8.17
C THR B 163 14.18 1.45 -8.21
N LEU B 164 15.06 1.58 -7.22
CA LEU B 164 16.32 0.82 -7.19
C LEU B 164 16.32 -0.27 -6.10
N ARG B 165 16.47 -1.53 -6.49
CA ARG B 165 16.48 -2.63 -5.51
C ARG B 165 17.86 -2.84 -4.88
N VAL B 166 18.15 -2.10 -3.81
CA VAL B 166 19.41 -2.18 -3.13
C VAL B 166 19.34 -3.37 -2.19
N ARG B 167 20.46 -4.08 -2.03
CA ARG B 167 20.54 -5.20 -1.10
C ARG B 167 21.85 -5.13 -0.33
N MET B 168 21.78 -5.36 0.98
CA MET B 168 22.96 -5.52 1.85
C MET B 168 24.10 -4.57 1.52
N PRO B 169 23.80 -3.26 1.53
CA PRO B 169 24.75 -2.25 1.03
C PRO B 169 26.10 -2.33 1.73
N ILE B 170 27.14 -2.18 0.93
CA ILE B 170 28.51 -2.22 1.40
C ILE B 170 29.16 -0.96 0.84
N SER B 171 30.05 -0.34 1.61
CA SER B 171 30.88 0.76 1.09
C SER B 171 32.34 0.63 1.52
N SER B 172 33.16 1.58 1.08
CA SER B 172 34.60 1.56 1.33
C SER B 172 34.95 1.86 2.78
N ASP B 173 34.02 2.43 3.53
CA ASP B 173 34.25 2.72 4.95
C ASP B 173 33.71 1.64 5.89
N LEU B 174 34.63 0.94 6.54
CA LEU B 174 34.31 -0.20 7.40
C LEU B 174 33.96 0.22 8.82
N THR B 175 34.14 1.51 9.14
CA THR B 175 33.74 1.99 10.45
C THR B 175 32.21 2.05 10.57
N ASN B 176 31.55 2.16 9.42
CA ASN B 176 30.09 2.26 9.42
C ASN B 176 29.42 0.99 9.95
N PRO B 177 28.71 1.10 11.09
CA PRO B 177 28.00 -0.07 11.60
C PRO B 177 26.91 -0.61 10.65
N ARG B 178 26.45 0.22 9.71
CA ARG B 178 25.47 -0.24 8.72
C ARG B 178 26.07 -1.14 7.62
N ASN B 179 27.31 -0.86 7.25
CA ASN B 179 28.07 -1.65 6.25
C ASN B 179 27.95 -3.15 6.50
N PHE B 180 27.62 -3.92 5.46
CA PHE B 180 27.34 -5.34 5.62
C PHE B 180 28.57 -6.14 6.01
N ILE B 181 29.74 -5.71 5.53
CA ILE B 181 30.96 -6.40 5.84
C ILE B 181 31.25 -6.35 7.34
N THR B 182 31.02 -5.20 7.95
CA THR B 182 31.35 -5.06 9.36
C THR B 182 30.32 -5.76 10.27
N LYS B 183 29.12 -5.99 9.74
CA LYS B 183 28.13 -6.80 10.45
C LYS B 183 28.62 -8.24 10.54
N ILE B 184 28.91 -8.81 9.38
CA ILE B 184 29.36 -10.20 9.22
C ILE B 184 30.66 -10.52 9.96
N ALA B 185 31.56 -9.54 10.06
CA ALA B 185 32.85 -9.71 10.75
C ALA B 185 32.73 -9.53 12.26
N ARG B 186 31.49 -9.62 12.75
CA ARG B 186 31.16 -9.33 14.13
C ARG B 186 30.32 -10.50 14.68
N TYR B 187 29.57 -11.14 13.78
CA TYR B 187 28.71 -12.27 14.16
C TYR B 187 29.52 -13.36 14.84
N GLU B 188 28.92 -14.01 15.84
CA GLU B 188 29.57 -15.13 16.53
C GLU B 188 29.81 -16.26 15.53
N LYS B 189 28.73 -16.92 15.14
CA LYS B 189 28.73 -17.83 14.01
C LYS B 189 28.03 -17.16 12.82
N VAL B 190 28.46 -17.51 11.61
CA VAL B 190 27.82 -16.98 10.41
C VAL B 190 27.36 -18.13 9.51
N VAL B 191 26.32 -17.89 8.72
CA VAL B 191 25.89 -18.84 7.70
C VAL B 191 26.66 -18.59 6.43
N ASP B 192 26.57 -19.49 5.47
CA ASP B 192 27.28 -19.32 4.20
C ASP B 192 26.30 -19.51 3.06
N ILE B 193 25.79 -18.40 2.53
CA ILE B 193 24.78 -18.41 1.50
C ILE B 193 25.10 -17.31 0.52
N PRO B 194 25.28 -17.65 -0.76
CA PRO B 194 25.49 -16.64 -1.81
C PRO B 194 24.34 -15.63 -1.90
N ASN B 195 24.65 -14.34 -2.03
CA ASN B 195 23.65 -13.26 -2.09
C ASN B 195 24.06 -12.14 -3.04
N SER B 196 23.10 -11.56 -3.75
CA SER B 196 23.33 -10.32 -4.49
C SER B 196 23.47 -9.15 -3.48
N MET B 197 24.44 -8.28 -3.73
CA MET B 197 24.75 -7.16 -2.84
C MET B 197 25.09 -5.87 -3.63
N THR B 198 25.00 -4.74 -2.95
CA THR B 198 25.25 -3.44 -3.58
C THR B 198 26.56 -2.81 -3.11
N ILE B 199 27.55 -2.74 -3.99
CA ILE B 199 28.76 -1.99 -3.67
C ILE B 199 28.50 -0.50 -3.92
N LEU B 200 28.23 0.24 -2.84
CA LEU B 200 27.81 1.65 -2.94
C LEU B 200 28.75 2.53 -3.75
N ASP B 201 30.04 2.53 -3.44
CA ASP B 201 31.02 3.35 -4.16
C ASP B 201 30.89 3.30 -5.68
N GLU B 202 30.54 2.14 -6.21
CA GLU B 202 30.34 1.97 -7.63
C GLU B 202 28.90 2.32 -8.06
N LEU B 203 27.90 1.73 -7.40
CA LEU B 203 26.50 1.86 -7.85
C LEU B 203 25.89 3.26 -7.65
N LEU B 204 26.24 3.95 -6.55
CA LEU B 204 25.73 5.31 -6.34
C LEU B 204 26.08 6.32 -7.45
N PRO B 205 27.36 6.35 -7.91
CA PRO B 205 27.58 7.18 -9.10
C PRO B 205 26.71 6.73 -10.29
N ILE B 206 26.51 5.42 -10.40
CA ILE B 206 25.65 4.90 -11.44
C ILE B 206 24.22 5.43 -11.31
N SER B 207 23.71 5.50 -10.08
CA SER B 207 22.31 5.90 -9.89
C SER B 207 22.09 7.34 -10.33
N ILE B 208 23.07 8.19 -10.00
CA ILE B 208 23.13 9.59 -10.42
C ILE B 208 23.07 9.71 -11.96
N GLU B 209 23.85 8.86 -12.63
CA GLU B 209 23.79 8.74 -14.08
C GLU B 209 22.43 8.31 -14.60
N MET B 210 21.66 7.61 -13.77
CA MET B 210 20.37 7.12 -14.20
C MET B 210 19.37 8.27 -14.26
N ALA B 211 19.51 9.18 -13.30
CA ALA B 211 18.74 10.42 -13.29
C ALA B 211 19.01 11.22 -14.57
N LYS B 212 20.28 11.53 -14.80
CA LYS B 212 20.73 12.25 -16.02
C LYS B 212 20.13 11.66 -17.30
N ARG B 213 20.17 10.35 -17.44
CA ARG B 213 19.54 9.68 -18.57
C ARG B 213 18.02 9.55 -18.45
N ASN B 214 17.43 10.03 -17.35
CA ASN B 214 15.99 9.92 -17.13
C ASN B 214 15.45 8.50 -17.20
N LEU B 215 16.18 7.57 -16.60
CA LEU B 215 15.72 6.19 -16.54
C LEU B 215 14.62 6.07 -15.50
N THR B 216 13.63 5.24 -15.80
CA THR B 216 12.46 5.05 -14.94
C THR B 216 12.06 3.56 -15.00
N GLY B 217 11.14 3.15 -14.12
CA GLY B 217 10.80 1.75 -13.95
C GLY B 217 11.56 1.18 -12.77
N ILE B 218 11.62 -0.14 -12.66
CA ILE B 218 12.37 -0.81 -11.61
C ILE B 218 13.69 -1.30 -12.14
N TYR B 219 14.75 -1.14 -11.34
CA TYR B 219 16.03 -1.79 -11.64
C TYR B 219 16.49 -2.53 -10.40
N ASN B 220 16.75 -3.82 -10.54
CA ASN B 220 17.59 -4.52 -9.57
C ASN B 220 18.89 -3.73 -9.45
N PHE B 221 19.28 -3.39 -8.22
CA PHE B 221 20.42 -2.51 -8.04
C PHE B 221 21.55 -3.11 -7.22
N THR B 222 21.84 -4.40 -7.48
CA THR B 222 23.02 -5.06 -6.93
C THR B 222 24.02 -5.21 -8.06
N ASN B 223 25.28 -5.46 -7.71
CA ASN B 223 26.28 -5.94 -8.67
C ASN B 223 25.92 -7.36 -9.18
N PRO B 224 26.30 -7.67 -10.43
CA PRO B 224 26.01 -9.01 -10.96
C PRO B 224 26.80 -10.09 -10.22
N GLY B 225 26.31 -11.33 -10.23
CA GLY B 225 26.95 -12.41 -9.50
C GLY B 225 26.56 -12.36 -8.04
N VAL B 226 27.00 -13.35 -7.27
CA VAL B 226 26.64 -13.47 -5.87
C VAL B 226 27.88 -13.67 -5.01
N VAL B 227 27.79 -13.31 -3.73
CA VAL B 227 28.86 -13.59 -2.78
C VAL B 227 28.31 -14.13 -1.49
N SER B 228 29.07 -15.02 -0.86
CA SER B 228 28.72 -15.52 0.45
C SER B 228 29.56 -14.87 1.52
N HIS B 229 29.13 -15.10 2.76
CA HIS B 229 29.78 -14.58 3.94
C HIS B 229 31.22 -15.08 4.03
N ASN B 230 31.40 -16.39 3.81
CA ASN B 230 32.74 -16.97 3.81
C ASN B 230 33.67 -16.30 2.82
N GLU B 231 33.15 -16.00 1.63
CA GLU B 231 33.98 -15.39 0.62
C GLU B 231 34.38 -13.98 1.08
N ILE B 232 33.43 -13.28 1.71
CA ILE B 232 33.65 -11.93 2.16
C ILE B 232 34.54 -11.89 3.36
N LEU B 233 34.36 -12.85 4.25
CA LEU B 233 35.26 -12.97 5.40
C LEU B 233 36.68 -13.37 4.98
N GLU B 234 36.82 -14.18 3.92
CA GLU B 234 38.15 -14.49 3.39
C GLU B 234 38.90 -13.25 2.88
N MET B 235 38.21 -12.46 2.05
CA MET B 235 38.74 -11.17 1.62
C MET B 235 39.07 -10.25 2.81
N TYR B 236 38.25 -10.36 3.85
CA TYR B 236 38.41 -9.53 5.04
C TYR B 236 39.67 -9.91 5.82
N ARG B 237 39.88 -11.21 6.05
CA ARG B 237 41.10 -11.71 6.68
C ARG B 237 42.39 -11.36 5.90
N ASP B 238 42.42 -11.72 4.62
CA ASP B 238 43.59 -11.46 3.80
C ASP B 238 43.91 -9.98 3.68
N TYR B 239 42.91 -9.15 3.45
CA TYR B 239 43.16 -7.75 3.12
C TYR B 239 43.21 -6.77 4.29
N ILE B 240 42.51 -7.07 5.38
CA ILE B 240 42.35 -6.06 6.44
C ILE B 240 42.60 -6.53 7.89
N ASP B 241 42.78 -7.84 8.10
CA ASP B 241 43.12 -8.39 9.42
C ASP B 241 43.54 -9.85 9.25
N PRO B 242 44.85 -10.09 9.03
CA PRO B 242 45.35 -11.44 8.76
C PRO B 242 45.14 -12.41 9.92
N SER B 243 44.76 -11.89 11.09
CA SER B 243 44.56 -12.77 12.24
C SER B 243 43.10 -13.15 12.46
N PHE B 244 42.21 -12.59 11.64
CA PHE B 244 40.76 -12.79 11.80
C PHE B 244 40.27 -14.25 11.67
N THR B 245 39.29 -14.61 12.50
CA THR B 245 38.78 -15.98 12.55
C THR B 245 37.26 -15.99 12.70
N TRP B 246 36.58 -16.98 12.10
CA TRP B 246 35.13 -17.06 12.27
C TRP B 246 34.64 -18.51 12.34
N LYS B 247 33.42 -18.69 12.85
CA LYS B 247 32.84 -20.03 12.96
C LYS B 247 31.61 -20.12 12.07
N ASN B 248 31.32 -21.30 11.54
CA ASN B 248 30.11 -21.47 10.75
C ASN B 248 29.05 -22.36 11.44
N PHE B 249 27.79 -22.08 11.14
CA PHE B 249 26.70 -22.91 11.63
C PHE B 249 26.75 -24.34 11.08
N THR B 250 27.00 -25.31 11.96
CA THR B 250 27.13 -26.72 11.58
C THR B 250 25.85 -27.28 10.95
N PRO B 261 13.76 -14.61 10.32
CA PRO B 261 14.11 -15.10 8.98
C PRO B 261 14.48 -13.96 8.02
N ARG B 262 15.70 -14.06 7.46
CA ARG B 262 16.19 -13.05 6.54
C ARG B 262 16.08 -13.47 5.07
N SER B 263 16.28 -12.50 4.20
CA SER B 263 16.17 -12.67 2.75
C SER B 263 17.48 -13.16 2.10
N ASN B 264 17.42 -14.28 1.39
CA ASN B 264 18.54 -14.71 0.56
C ASN B 264 18.16 -14.93 -0.90
N ASN B 265 18.89 -14.30 -1.81
CA ASN B 265 18.58 -14.45 -3.22
C ASN B 265 19.64 -13.93 -4.17
N GLU B 266 19.41 -14.18 -5.45
CA GLU B 266 20.13 -13.45 -6.48
C GLU B 266 19.13 -12.56 -7.22
N LEU B 267 19.53 -11.33 -7.48
CA LEU B 267 18.81 -10.48 -8.41
C LEU B 267 19.52 -10.55 -9.76
N ASP B 268 18.73 -10.56 -10.83
CA ASP B 268 19.23 -10.63 -12.20
C ASP B 268 19.76 -9.26 -12.61
N ALA B 269 21.01 -9.21 -13.05
CA ALA B 269 21.67 -7.93 -13.32
C ALA B 269 21.56 -7.44 -14.76
N THR B 270 20.89 -8.24 -15.59
CA THR B 270 20.74 -7.99 -17.03
C THR B 270 20.32 -6.57 -17.40
N LYS B 271 19.17 -6.14 -16.89
CA LYS B 271 18.63 -4.83 -17.21
C LYS B 271 19.59 -3.69 -16.84
N LEU B 272 20.13 -3.73 -15.62
CA LEU B 272 21.05 -2.69 -15.17
C LEU B 272 22.37 -2.76 -15.95
N LYS B 273 22.77 -3.97 -16.31
CA LYS B 273 24.02 -4.23 -17.04
C LYS B 273 23.95 -3.76 -18.50
N THR B 274 22.79 -3.96 -19.14
CA THR B 274 22.57 -3.45 -20.49
C THR B 274 22.80 -1.94 -20.54
N GLU B 275 22.24 -1.24 -19.57
CA GLU B 275 22.33 0.23 -19.53
C GLU B 275 23.73 0.70 -19.10
N PHE B 276 24.47 -0.19 -18.45
CA PHE B 276 25.75 0.19 -17.83
C PHE B 276 26.77 -0.92 -17.91
N PRO B 277 27.38 -1.10 -19.10
CA PRO B 277 28.30 -2.23 -19.34
C PRO B 277 29.61 -2.15 -18.52
N GLU B 278 29.87 -0.99 -17.94
CA GLU B 278 31.06 -0.77 -17.11
C GLU B 278 30.87 -1.32 -15.69
N LEU B 279 29.67 -1.82 -15.41
CA LEU B 279 29.35 -2.26 -14.05
C LEU B 279 30.11 -3.55 -13.75
N MET B 280 30.64 -3.64 -12.52
CA MET B 280 31.50 -4.75 -12.16
C MET B 280 30.79 -5.80 -11.31
N SER B 281 31.23 -7.04 -11.41
CA SER B 281 30.73 -8.11 -10.55
C SER B 281 31.17 -7.86 -9.11
N ILE B 282 30.51 -8.51 -8.14
CA ILE B 282 30.74 -8.21 -6.71
C ILE B 282 32.16 -8.40 -6.24
N LYS B 283 32.69 -9.61 -6.40
CA LYS B 283 34.06 -9.92 -5.99
C LYS B 283 35.05 -8.89 -6.56
N GLU B 284 35.05 -8.81 -7.88
CA GLU B 284 35.86 -7.85 -8.60
C GLU B 284 35.67 -6.42 -8.10
N SER B 285 34.43 -6.08 -7.75
CA SER B 285 34.05 -4.76 -7.27
C SER B 285 34.35 -4.60 -5.77
N LEU B 286 34.20 -5.67 -5.01
CA LEU B 286 34.65 -5.66 -3.62
C LEU B 286 36.18 -5.41 -3.58
N ILE B 287 36.92 -6.08 -4.47
CA ILE B 287 38.37 -5.92 -4.50
C ILE B 287 38.81 -4.48 -4.76
N LYS B 288 38.26 -3.87 -5.82
CA LYS B 288 38.68 -2.52 -6.23
C LYS B 288 38.24 -1.41 -5.28
N PHE B 289 36.95 -1.37 -4.97
CA PHE B 289 36.35 -0.24 -4.26
C PHE B 289 36.39 -0.37 -2.74
N VAL B 290 36.65 -1.58 -2.26
CA VAL B 290 36.51 -1.79 -0.83
C VAL B 290 37.78 -2.32 -0.19
N PHE B 291 38.30 -3.44 -0.69
CA PHE B 291 39.42 -4.12 -0.03
C PHE B 291 40.81 -3.55 -0.34
N GLU B 292 41.11 -3.29 -1.60
CA GLU B 292 42.41 -2.68 -1.91
C GLU B 292 42.62 -1.31 -1.24
N PRO B 293 41.56 -0.48 -1.16
CA PRO B 293 41.88 0.77 -0.47
C PRO B 293 41.84 0.67 1.05
N ASN B 294 41.48 -0.47 1.61
CA ASN B 294 41.54 -0.62 3.07
C ASN B 294 42.65 -1.57 3.51
N LYS B 295 43.49 -1.97 2.55
CA LYS B 295 44.57 -2.90 2.80
C LYS B 295 45.45 -2.46 3.97
N LYS B 296 45.94 -3.43 4.73
CA LYS B 296 46.80 -3.15 5.87
C LYS B 296 47.88 -4.22 6.03
#